data_3KWE
#
_entry.id   3KWE
#
_cell.length_a   102.931
_cell.length_b   102.931
_cell.length_c   44.903
_cell.angle_alpha   90.00
_cell.angle_beta   90.00
_cell.angle_gamma   120.00
#
_symmetry.space_group_name_H-M   'H 3'
#
loop_
_entity.id
_entity.type
_entity.pdbx_description
1 polymer 'Carbon dioxide concentrating mechanism protein'
2 non-polymer 'ZINC ION'
3 non-polymer 'CHLORIDE ION'
4 non-polymer 'MAGNESIUM ION'
5 non-polymer HEXANE-1,6-DIOL
6 water water
#
_entity_poly.entity_id   1
_entity_poly.type   'polypeptide(L)'
_entity_poly.pdbx_seq_one_letter_code
;MGSSHHHHHHSSGLVPRGSHMAVQSYAAPPTPWSRDLAEPEIAPTAYVHSFSNLIGDVRIKDYVHIAPGTSIRADEGTPF
HIGSRTNIQDGVVIHGLQQGRVIGDDGQEYSVWIGDNVSITHMALIHGPAYIGDGCFIGFRSTVFNARVGAGCVVMMHVL
IQDVEIPPGKYVPSGMVITTQQQADRLPNVEESDIHFAQHVVGINEALLSGYQ
;
_entity_poly.pdbx_strand_id   A
#
loop_
_chem_comp.id
_chem_comp.type
_chem_comp.name
_chem_comp.formula
CL non-polymer 'CHLORIDE ION' 'Cl -1'
HEZ non-polymer HEXANE-1,6-DIOL 'C6 H14 O2'
MG non-polymer 'MAGNESIUM ION' 'Mg 2'
ZN non-polymer 'ZINC ION' 'Zn 2'
#
# COMPACT_ATOMS: atom_id res chain seq x y z
N LEU A 37 20.05 2.02 -11.65
CA LEU A 37 18.57 2.16 -11.54
C LEU A 37 18.14 3.57 -11.90
N ALA A 38 16.89 3.71 -12.35
CA ALA A 38 16.29 5.02 -12.54
C ALA A 38 16.22 5.72 -11.18
N GLU A 39 15.99 7.03 -11.18
CA GLU A 39 15.88 7.80 -9.94
C GLU A 39 14.42 7.99 -9.55
N PRO A 40 14.15 8.15 -8.26
N PRO A 40 14.16 8.20 -8.26
CA PRO A 40 12.78 8.47 -7.88
C PRO A 40 12.30 9.81 -8.46
N GLU A 41 11.00 9.88 -8.73
CA GLU A 41 10.34 11.10 -9.15
C GLU A 41 9.55 11.58 -7.95
N ILE A 42 10.02 12.64 -7.31
CA ILE A 42 9.46 13.10 -6.05
C ILE A 42 8.78 14.43 -6.29
N ALA A 43 7.46 14.46 -6.13
CA ALA A 43 6.70 15.69 -6.36
C ALA A 43 7.21 16.80 -5.46
N PRO A 44 7.17 18.05 -5.95
CA PRO A 44 7.67 19.17 -5.15
C PRO A 44 7.10 19.30 -3.73
N THR A 45 5.85 18.90 -3.53
CA THR A 45 5.21 19.02 -2.23
C THR A 45 5.29 17.75 -1.38
N ALA A 46 5.95 16.70 -1.88
CA ALA A 46 6.11 15.47 -1.11
C ALA A 46 7.20 15.66 -0.07
N TYR A 47 7.03 14.98 1.06
CA TYR A 47 7.99 14.97 2.15
C TYR A 47 8.56 13.56 2.23
N VAL A 48 9.89 13.44 2.09
CA VAL A 48 10.57 12.17 2.25
C VAL A 48 11.66 12.39 3.28
N HIS A 49 11.52 11.77 4.43
CA HIS A 49 12.52 11.92 5.47
C HIS A 49 13.87 11.42 4.96
N SER A 50 14.94 12.08 5.37
CA SER A 50 16.29 11.66 4.97
C SER A 50 16.68 10.25 5.45
N PHE A 51 16.02 9.72 6.47
CA PHE A 51 16.30 8.36 6.93
C PHE A 51 15.52 7.30 6.16
N SER A 52 14.66 7.68 5.23
CA SER A 52 13.98 6.70 4.39
C SER A 52 14.97 6.18 3.36
N ASN A 53 15.00 4.86 3.16
CA ASN A 53 15.82 4.28 2.10
C ASN A 53 14.97 4.15 0.85
N LEU A 54 15.03 5.17 0.00
CA LEU A 54 14.21 5.29 -1.19
C LEU A 54 15.13 5.12 -2.40
N ILE A 55 14.87 4.11 -3.23
CA ILE A 55 15.75 3.67 -4.31
CA ILE A 55 15.74 3.83 -4.37
C ILE A 55 14.93 3.40 -5.56
N GLY A 56 15.40 3.82 -6.73
CA GLY A 56 14.83 3.37 -7.99
C GLY A 56 13.65 4.17 -8.48
N ASP A 57 12.92 3.59 -9.43
CA ASP A 57 11.84 4.25 -10.13
C ASP A 57 10.58 4.21 -9.29
N VAL A 58 10.55 5.09 -8.29
CA VAL A 58 9.43 5.26 -7.37
C VAL A 58 8.84 6.62 -7.66
N ARG A 59 7.58 6.64 -8.08
CA ARG A 59 6.90 7.83 -8.57
C ARG A 59 5.97 8.32 -7.48
N ILE A 60 6.37 9.40 -6.82
CA ILE A 60 5.74 9.88 -5.58
C ILE A 60 5.01 11.18 -5.87
N LYS A 61 3.71 11.20 -5.59
CA LYS A 61 2.84 12.31 -5.96
C LYS A 61 2.70 13.34 -4.84
N ASP A 62 1.78 14.28 -5.04
CA ASP A 62 1.71 15.49 -4.24
C ASP A 62 1.40 15.19 -2.79
N TYR A 63 2.05 15.92 -1.89
CA TYR A 63 1.74 15.88 -0.45
C TYR A 63 1.92 14.50 0.20
N VAL A 64 2.66 13.60 -0.43
CA VAL A 64 3.02 12.33 0.21
C VAL A 64 3.89 12.62 1.42
N HIS A 65 3.72 11.81 2.46
CA HIS A 65 4.54 11.89 3.64
C HIS A 65 5.17 10.54 3.91
N ILE A 66 6.49 10.45 3.72
CA ILE A 66 7.27 9.24 3.97
C ILE A 66 8.14 9.48 5.20
N ALA A 67 7.87 8.67 6.23
CA ALA A 67 8.51 8.76 7.52
C ALA A 67 9.95 8.23 7.51
N PRO A 68 10.71 8.56 8.56
CA PRO A 68 11.97 7.84 8.77
C PRO A 68 11.69 6.37 9.04
N GLY A 69 12.69 5.53 8.89
CA GLY A 69 12.55 4.14 9.22
C GLY A 69 11.73 3.34 8.23
N THR A 70 11.66 3.85 7.00
CA THR A 70 10.96 3.22 5.91
C THR A 70 11.97 2.77 4.86
N SER A 71 11.60 1.74 4.13
CA SER A 71 12.38 1.23 3.02
C SER A 71 11.46 1.09 1.82
N ILE A 72 11.79 1.78 0.73
CA ILE A 72 10.96 1.81 -0.45
C ILE A 72 11.90 1.68 -1.64
N ARG A 73 12.15 0.45 -2.07
CA ARG A 73 13.22 0.14 -2.99
C ARG A 73 12.69 -0.57 -4.22
N ALA A 74 12.75 0.11 -5.36
CA ALA A 74 12.38 -0.46 -6.65
C ALA A 74 13.62 -1.01 -7.35
N ASP A 75 14.39 -1.82 -6.64
CA ASP A 75 15.62 -2.40 -7.19
C ASP A 75 15.43 -3.78 -7.81
N GLU A 76 14.29 -4.41 -7.57
CA GLU A 76 13.94 -5.68 -8.20
C GLU A 76 12.70 -5.41 -9.01
N GLY A 77 11.51 -5.61 -8.45
CA GLY A 77 10.30 -5.13 -9.10
C GLY A 77 10.35 -3.61 -9.24
N THR A 78 9.88 -3.13 -10.37
CA THR A 78 9.88 -1.71 -10.69
C THR A 78 8.91 -1.50 -11.85
N PRO A 79 8.27 -0.32 -11.98
CA PRO A 79 8.28 0.85 -11.09
C PRO A 79 7.28 0.73 -9.93
N PHE A 80 7.36 1.69 -9.03
CA PHE A 80 6.38 1.88 -7.97
C PHE A 80 5.69 3.24 -8.16
N HIS A 81 4.44 3.32 -7.68
CA HIS A 81 3.66 4.56 -7.62
C HIS A 81 3.13 4.73 -6.21
N ILE A 82 3.24 5.93 -5.67
CA ILE A 82 2.63 6.30 -4.40
C ILE A 82 1.83 7.58 -4.62
N GLY A 83 0.51 7.47 -4.50
CA GLY A 83 -0.39 8.54 -4.86
C GLY A 83 -0.47 9.67 -3.86
N SER A 84 -1.18 10.71 -4.25
CA SER A 84 -1.17 11.95 -3.51
C SER A 84 -1.77 11.80 -2.12
N ARG A 85 -1.14 12.51 -1.16
CA ARG A 85 -1.54 12.55 0.24
C ARG A 85 -1.34 11.23 0.99
N THR A 86 -0.73 10.24 0.36
CA THR A 86 -0.49 8.97 1.02
C THR A 86 0.63 9.10 2.05
N ASN A 87 0.46 8.40 3.17
CA ASN A 87 1.39 8.39 4.30
C ASN A 87 2.00 6.99 4.43
N ILE A 88 3.33 6.92 4.42
CA ILE A 88 4.07 5.68 4.64
C ILE A 88 4.80 5.84 5.99
N GLN A 89 4.42 5.02 6.98
CA GLN A 89 4.84 5.19 8.35
C GLN A 89 6.10 4.39 8.71
N ASP A 90 6.69 4.77 9.82
CA ASP A 90 7.95 4.20 10.29
C ASP A 90 7.79 2.69 10.49
N GLY A 91 8.75 1.94 9.96
CA GLY A 91 8.78 0.49 10.05
C GLY A 91 8.30 -0.21 8.80
N VAL A 92 7.73 0.52 7.84
CA VAL A 92 7.22 -0.09 6.63
C VAL A 92 8.34 -0.49 5.68
N VAL A 93 8.12 -1.60 4.99
CA VAL A 93 8.94 -2.02 3.86
C VAL A 93 8.03 -2.15 2.64
N ILE A 94 8.45 -1.53 1.53
CA ILE A 94 7.81 -1.68 0.24
C ILE A 94 8.88 -2.20 -0.71
N HIS A 95 8.63 -3.36 -1.29
CA HIS A 95 9.59 -4.02 -2.19
C HIS A 95 8.78 -4.74 -3.26
N GLY A 96 9.41 -5.32 -4.27
CA GLY A 96 8.64 -6.06 -5.28
C GLY A 96 9.46 -7.17 -5.89
N LEU A 97 8.75 -8.18 -6.37
CA LEU A 97 9.40 -9.26 -7.13
C LEU A 97 9.82 -8.77 -8.51
N GLN A 98 10.94 -9.26 -8.99
CA GLN A 98 11.41 -8.92 -10.33
C GLN A 98 10.32 -9.17 -11.38
N GLN A 99 9.65 -10.31 -11.27
CA GLN A 99 8.58 -10.69 -12.18
C GLN A 99 7.22 -10.50 -11.50
N GLY A 100 6.27 -9.97 -12.26
CA GLY A 100 4.90 -9.82 -11.80
C GLY A 100 4.54 -8.36 -11.65
N ARG A 101 3.47 -7.95 -12.32
CA ARG A 101 3.06 -6.55 -12.34
C ARG A 101 1.57 -6.43 -12.20
N VAL A 102 1.13 -5.25 -11.77
CA VAL A 102 -0.26 -4.85 -11.76
C VAL A 102 -0.40 -3.68 -12.73
N ILE A 103 -1.62 -3.44 -13.16
CA ILE A 103 -1.93 -2.29 -13.99
C ILE A 103 -2.30 -1.12 -13.11
N GLY A 104 -1.59 0.00 -13.28
CA GLY A 104 -1.90 1.22 -12.56
C GLY A 104 -3.04 1.98 -13.21
N ASP A 105 -3.47 3.06 -12.58
CA ASP A 105 -4.60 3.83 -13.09
C ASP A 105 -4.27 4.56 -14.39
N ASP A 106 -2.99 4.67 -14.71
CA ASP A 106 -2.49 5.24 -15.95
C ASP A 106 -2.31 4.20 -17.06
N GLY A 107 -2.70 2.95 -16.80
CA GLY A 107 -2.56 1.86 -17.76
C GLY A 107 -1.16 1.26 -17.82
N GLN A 108 -0.20 1.80 -17.08
CA GLN A 108 1.16 1.28 -17.14
C GLN A 108 1.30 0.14 -16.13
N GLU A 109 2.29 -0.71 -16.37
CA GLU A 109 2.63 -1.77 -15.42
C GLU A 109 3.45 -1.24 -14.26
N TYR A 110 3.11 -1.69 -13.07
CA TYR A 110 3.83 -1.37 -11.85
C TYR A 110 4.09 -2.65 -11.07
N SER A 111 5.20 -2.69 -10.35
CA SER A 111 5.37 -3.71 -9.32
C SER A 111 4.46 -3.42 -8.13
N VAL A 112 4.44 -2.15 -7.68
CA VAL A 112 3.59 -1.72 -6.58
C VAL A 112 2.90 -0.44 -6.99
N TRP A 113 1.57 -0.42 -6.90
CA TRP A 113 0.77 0.79 -7.06
C TRP A 113 0.03 1.03 -5.76
N ILE A 114 0.28 2.16 -5.12
CA ILE A 114 -0.48 2.60 -3.96
C ILE A 114 -1.15 3.90 -4.35
N GLY A 115 -2.47 3.95 -4.20
CA GLY A 115 -3.26 5.08 -4.65
C GLY A 115 -3.16 6.31 -3.77
N ASP A 116 -4.10 7.22 -4.01
CA ASP A 116 -4.19 8.49 -3.30
C ASP A 116 -4.84 8.28 -1.93
N ASN A 117 -4.46 9.10 -0.96
CA ASN A 117 -5.13 9.15 0.35
C ASN A 117 -5.07 7.82 1.09
N VAL A 118 -3.98 7.08 0.90
CA VAL A 118 -3.79 5.79 1.54
C VAL A 118 -2.94 5.96 2.79
N SER A 119 -3.24 5.19 3.84
CA SER A 119 -2.39 5.08 5.00
C SER A 119 -1.74 3.71 5.04
N ILE A 120 -0.43 3.68 4.87
CA ILE A 120 0.37 2.45 5.02
C ILE A 120 1.06 2.59 6.38
N THR A 121 0.47 1.96 7.39
CA THR A 121 0.85 2.26 8.77
C THR A 121 2.00 1.38 9.25
N HIS A 122 2.44 1.65 10.48
CA HIS A 122 3.68 1.08 11.01
C HIS A 122 3.80 -0.41 10.73
N MET A 123 4.98 -0.79 10.28
CA MET A 123 5.40 -2.19 10.10
C MET A 123 4.65 -2.90 8.98
N ALA A 124 3.83 -2.21 8.21
CA ALA A 124 3.21 -2.86 7.07
C ALA A 124 4.28 -3.27 6.06
N LEU A 125 3.97 -4.35 5.34
CA LEU A 125 4.81 -4.86 4.26
C LEU A 125 3.94 -4.85 3.01
N ILE A 126 4.31 -4.03 2.03
CA ILE A 126 3.62 -4.01 0.75
C ILE A 126 4.61 -4.58 -0.25
N HIS A 127 4.33 -5.78 -0.78
CA HIS A 127 5.29 -6.43 -1.63
C HIS A 127 4.66 -6.72 -2.98
N GLY A 128 5.29 -6.17 -4.01
CA GLY A 128 4.83 -6.36 -5.36
C GLY A 128 4.91 -7.81 -5.78
N PRO A 129 4.01 -8.24 -6.67
CA PRO A 129 2.98 -7.40 -7.31
C PRO A 129 1.85 -7.02 -6.36
N ALA A 130 1.50 -5.73 -6.30
CA ALA A 130 0.48 -5.29 -5.38
C ALA A 130 -0.16 -4.01 -5.87
N TYR A 131 -1.49 -3.94 -5.75
CA TYR A 131 -2.26 -2.73 -6.03
C TYR A 131 -3.08 -2.44 -4.79
N ILE A 132 -3.00 -1.21 -4.29
CA ILE A 132 -3.80 -0.73 -3.19
C ILE A 132 -4.51 0.53 -3.66
N GLY A 133 -5.84 0.47 -3.69
CA GLY A 133 -6.63 1.55 -4.25
C GLY A 133 -6.76 2.76 -3.34
N ASP A 134 -7.32 3.81 -3.91
CA ASP A 134 -7.45 5.10 -3.23
C ASP A 134 -8.20 4.94 -1.93
N GLY A 135 -7.72 5.65 -0.91
CA GLY A 135 -8.44 5.76 0.34
C GLY A 135 -8.34 4.58 1.26
N CYS A 136 -7.55 3.57 0.92
CA CYS A 136 -7.38 2.43 1.82
C CYS A 136 -6.61 2.78 3.09
N PHE A 137 -6.99 2.07 4.16
CA PHE A 137 -6.24 2.05 5.41
C PHE A 137 -5.63 0.66 5.53
N ILE A 138 -4.30 0.59 5.69
CA ILE A 138 -3.61 -0.68 5.91
C ILE A 138 -3.00 -0.59 7.30
N GLY A 139 -3.58 -1.32 8.24
CA GLY A 139 -3.25 -1.21 9.65
C GLY A 139 -1.94 -1.86 10.05
N PHE A 140 -1.60 -1.70 11.32
CA PHE A 140 -0.25 -1.97 11.77
C PHE A 140 0.12 -3.42 11.52
N ARG A 141 1.31 -3.62 10.98
CA ARG A 141 1.91 -4.93 10.85
C ARG A 141 1.14 -5.83 9.87
N SER A 142 0.45 -5.22 8.93
CA SER A 142 -0.29 -5.97 7.93
C SER A 142 0.48 -6.06 6.61
N THR A 143 0.27 -7.15 5.90
CA THR A 143 0.98 -7.46 4.67
C THR A 143 0.02 -7.56 3.49
N VAL A 144 0.40 -6.96 2.37
CA VAL A 144 -0.28 -7.13 1.09
C VAL A 144 0.78 -7.61 0.09
N PHE A 145 0.60 -8.81 -0.46
CA PHE A 145 1.57 -9.41 -1.37
C PHE A 145 0.83 -10.17 -2.46
N ASN A 146 1.18 -9.91 -3.71
CA ASN A 146 0.55 -10.60 -4.83
C ASN A 146 -0.98 -10.48 -4.74
N ALA A 147 -1.46 -9.24 -4.62
CA ALA A 147 -2.85 -9.00 -4.32
C ALA A 147 -3.27 -7.63 -4.79
N ARG A 148 -4.58 -7.50 -4.97
CA ARG A 148 -5.21 -6.22 -5.28
C ARG A 148 -6.20 -5.91 -4.17
N VAL A 149 -6.10 -4.72 -3.60
CA VAL A 149 -7.02 -4.27 -2.57
C VAL A 149 -7.75 -3.07 -3.14
N GLY A 150 -9.07 -3.21 -3.31
CA GLY A 150 -9.86 -2.17 -3.93
C GLY A 150 -9.94 -0.90 -3.11
N ALA A 151 -10.30 0.20 -3.78
CA ALA A 151 -10.43 1.49 -3.13
C ALA A 151 -11.32 1.42 -1.90
N GLY A 152 -10.94 2.17 -0.87
CA GLY A 152 -11.80 2.34 0.29
C GLY A 152 -11.87 1.17 1.25
N CYS A 153 -10.96 0.20 1.13
CA CYS A 153 -10.91 -0.88 2.12
C CYS A 153 -10.29 -0.39 3.42
N VAL A 154 -10.71 -1.02 4.51
CA VAL A 154 -10.12 -0.80 5.82
C VAL A 154 -9.59 -2.14 6.29
N VAL A 155 -8.27 -2.26 6.23
CA VAL A 155 -7.56 -3.46 6.63
C VAL A 155 -6.97 -3.18 8.00
N MET A 156 -7.31 -4.01 8.98
CA MET A 156 -6.92 -3.73 10.36
C MET A 156 -5.51 -4.30 10.65
N MET A 157 -5.24 -4.69 11.89
CA MET A 157 -3.87 -4.91 12.35
C MET A 157 -3.52 -6.39 12.26
N HIS A 158 -2.25 -6.69 12.00
CA HIS A 158 -1.77 -8.07 12.00
C HIS A 158 -2.53 -8.94 10.99
N VAL A 159 -2.83 -8.38 9.82
CA VAL A 159 -3.52 -9.06 8.75
C VAL A 159 -2.53 -9.49 7.67
N LEU A 160 -2.76 -10.66 7.08
CA LEU A 160 -2.10 -11.07 5.85
C LEU A 160 -3.10 -11.10 4.72
N ILE A 161 -2.78 -10.43 3.61
CA ILE A 161 -3.54 -10.49 2.37
C ILE A 161 -2.58 -10.94 1.28
N GLN A 162 -2.82 -12.11 0.71
CA GLN A 162 -1.93 -12.67 -0.30
C GLN A 162 -2.71 -13.45 -1.32
N ASP A 163 -2.36 -13.26 -2.59
CA ASP A 163 -2.87 -14.10 -3.69
C ASP A 163 -4.37 -13.93 -3.93
N VAL A 164 -4.91 -12.74 -3.67
CA VAL A 164 -6.34 -12.48 -3.79
C VAL A 164 -6.62 -11.09 -4.32
N GLU A 165 -7.86 -10.89 -4.76
CA GLU A 165 -8.39 -9.56 -5.03
C GLU A 165 -9.50 -9.27 -4.04
N ILE A 166 -9.35 -8.18 -3.30
CA ILE A 166 -10.39 -7.71 -2.41
C ILE A 166 -11.13 -6.58 -3.12
N PRO A 167 -12.43 -6.75 -3.35
N PRO A 167 -12.48 -6.65 -3.18
CA PRO A 167 -13.19 -5.62 -3.93
C PRO A 167 -13.18 -4.34 -3.11
N PRO A 168 -13.52 -3.22 -3.73
CA PRO A 168 -13.59 -1.97 -3.01
C PRO A 168 -14.51 -2.03 -1.80
N GLY A 169 -14.16 -1.27 -0.78
CA GLY A 169 -15.05 -1.01 0.33
C GLY A 169 -15.24 -2.16 1.30
N LYS A 170 -14.25 -3.05 1.43
CA LYS A 170 -14.33 -4.15 2.39
C LYS A 170 -13.49 -3.89 3.63
N TYR A 171 -13.92 -4.52 4.72
CA TYR A 171 -13.28 -4.44 6.02
C TYR A 171 -12.62 -5.78 6.33
N VAL A 172 -11.38 -5.74 6.80
CA VAL A 172 -10.67 -6.96 7.19
C VAL A 172 -10.29 -6.84 8.66
N PRO A 173 -10.96 -7.62 9.52
CA PRO A 173 -10.68 -7.61 10.94
C PRO A 173 -9.25 -8.03 11.31
N SER A 174 -8.79 -7.54 12.44
CA SER A 174 -7.43 -7.80 12.88
C SER A 174 -7.16 -9.29 13.01
N GLY A 175 -5.96 -9.68 12.62
CA GLY A 175 -5.51 -11.05 12.76
C GLY A 175 -5.89 -11.99 11.63
N MET A 176 -6.70 -11.54 10.68
CA MET A 176 -7.14 -12.44 9.61
C MET A 176 -5.99 -12.77 8.66
N VAL A 177 -5.97 -14.00 8.20
CA VAL A 177 -4.97 -14.49 7.27
C VAL A 177 -5.72 -14.88 6.00
N ILE A 178 -5.71 -13.99 5.02
CA ILE A 178 -6.48 -14.14 3.81
C ILE A 178 -5.54 -14.58 2.69
N THR A 179 -5.66 -15.85 2.29
CA THR A 179 -4.78 -16.44 1.29
C THR A 179 -5.55 -17.08 0.14
N THR A 180 -6.88 -17.07 0.20
CA THR A 180 -7.71 -17.64 -0.85
C THR A 180 -8.81 -16.68 -1.24
N GLN A 181 -9.21 -16.76 -2.50
CA GLN A 181 -10.25 -15.88 -3.00
C GLN A 181 -11.58 -16.13 -2.30
N GLN A 182 -11.84 -17.38 -1.92
CA GLN A 182 -13.06 -17.70 -1.18
C GLN A 182 -13.16 -16.89 0.12
N GLN A 183 -12.04 -16.75 0.84
CA GLN A 183 -12.02 -15.94 2.05
C GLN A 183 -12.27 -14.48 1.72
N ALA A 184 -11.59 -13.99 0.69
CA ALA A 184 -11.72 -12.59 0.29
C ALA A 184 -13.17 -12.26 -0.05
N ASP A 185 -13.86 -13.21 -0.68
CA ASP A 185 -15.24 -13.03 -1.11
C ASP A 185 -16.25 -13.02 0.05
N ARG A 186 -15.82 -13.40 1.25
CA ARG A 186 -16.66 -13.42 2.46
C ARG A 186 -16.54 -12.15 3.28
N LEU A 187 -15.63 -11.27 2.94
CA LEU A 187 -15.34 -10.12 3.79
C LEU A 187 -16.54 -9.17 3.86
N PRO A 188 -16.77 -8.58 5.04
CA PRO A 188 -17.87 -7.62 5.18
C PRO A 188 -17.56 -6.26 4.57
N ASN A 189 -18.60 -5.50 4.30
CA ASN A 189 -18.46 -4.12 3.85
C ASN A 189 -18.01 -3.23 5.00
N VAL A 190 -17.22 -2.21 4.66
CA VAL A 190 -16.86 -1.17 5.59
C VAL A 190 -18.14 -0.49 6.10
N GLU A 191 -18.23 -0.35 7.41
CA GLU A 191 -19.33 0.34 8.07
C GLU A 191 -18.80 1.66 8.59
N GLU A 192 -19.70 2.54 8.97
CA GLU A 192 -19.31 3.87 9.42
C GLU A 192 -18.30 3.80 10.57
N SER A 193 -18.48 2.84 11.46
CA SER A 193 -17.59 2.67 12.62
C SER A 193 -16.15 2.32 12.20
N ASP A 194 -16.00 1.60 11.09
CA ASP A 194 -14.69 1.23 10.55
C ASP A 194 -13.98 2.45 9.97
N ILE A 195 -14.72 3.28 9.24
CA ILE A 195 -14.20 4.54 8.70
C ILE A 195 -13.79 5.46 9.84
N HIS A 196 -14.63 5.55 10.86
CA HIS A 196 -14.34 6.39 12.03
C HIS A 196 -13.08 5.93 12.75
N PHE A 197 -12.92 4.62 12.91
CA PHE A 197 -11.71 4.07 13.51
C PHE A 197 -10.47 4.47 12.71
N ALA A 198 -10.51 4.21 11.42
CA ALA A 198 -9.40 4.53 10.51
C ALA A 198 -9.07 6.01 10.57
N GLN A 199 -10.11 6.85 10.57
CA GLN A 199 -9.94 8.29 10.70
C GLN A 199 -9.26 8.67 12.01
N HIS A 200 -9.61 7.98 13.09
CA HIS A 200 -9.03 8.26 14.41
C HIS A 200 -7.55 7.87 14.50
N VAL A 201 -7.15 6.87 13.73
CA VAL A 201 -5.74 6.48 13.67
C VAL A 201 -4.93 7.48 12.83
N VAL A 202 -5.46 7.83 11.66
CA VAL A 202 -4.71 8.59 10.67
C VAL A 202 -4.69 10.07 10.99
ZN ZN B . 11.47 -8.53 -1.73
CL CL C . 6.89 -7.23 12.02
CL CL D . 5.48 7.44 11.34
MG MG E . 13.41 -1.78 10.75
O1 HEZ F . 18.87 0.32 6.53
C1 HEZ F . 19.13 1.24 7.59
C2 HEZ F . 19.70 2.56 7.09
C3 HEZ F . 18.87 3.16 5.96
C4 HEZ F . 19.32 4.58 5.69
C5 HEZ F . 18.61 5.17 4.47
C6 HEZ F . 19.22 6.48 4.00
O6 HEZ F . 19.23 7.46 5.05
#